data_2X0G
#
_entry.id   2X0G
#
_cell.length_a   46.413
_cell.length_b   101.694
_cell.length_c   104.775
_cell.angle_alpha   90.00
_cell.angle_beta   90.00
_cell.angle_gamma   90.00
#
_symmetry.space_group_name_H-M   'P 21 21 21'
#
loop_
_entity.id
_entity.type
_entity.pdbx_description
1 polymer 'DEATH-ASSOCIATED PROTEIN KINASE 1'
2 polymer CALMODULIN
3 non-polymer 'SULFATE ION'
4 non-polymer 'CALCIUM ION'
5 water water
#
loop_
_entity_poly.entity_id
_entity_poly.type
_entity_poly.pdbx_seq_one_letter_code
_entity_poly.pdbx_strand_id
1 'polypeptide(L)'
;MTVFRQENVDDYYDTGEELGSGQFAVVKKCREKSTGLQYAAKFIKKRRTKSSRRGVSREDIEREVSILKEIQHPNVITLH
EVYENKTDVILILELVAGGELFDFLAEKESLTEEEATEFLKQILNGVYYLHSLQIAHFDLKPENIMLLDRNVPKPRIKII
DFGLAHKIDFGNEFKNIFGTPEFVAPEIVNYEPLGLEADMWSIGVITYILLSGASPFLGDTKQETLANVSAVNYEFEDEY
FSNTSALAKDFIRRLLVKDPKKRMTIQDSLQHPWIKPKDTQQALSRKASAVNMEKFKKFAARKKWKQSVRLISLCQRLSR
SFLSRSNMSVARSD
;
A
2 'polypeptide(L)'
;ADQLTEEQIAEFKEAFSLFDKDGDGTITTKELGTVMRSLGQNPTEAELQDMINEVDADGNGTIDFPEFLTMMARKMKDTD
SEEEIREAFRVFDKDGNGYISAAELRHVMTNLGEKLTDEEVDEMIREADIDGDGQVNYEEFVQMMTAK
;
B
#
# COMPACT_ATOMS: atom_id res chain seq x y z
N VAL A 3 26.65 5.92 -8.44
CA VAL A 3 26.48 4.44 -8.43
C VAL A 3 25.89 4.00 -7.08
N PHE A 4 25.85 2.68 -6.87
CA PHE A 4 25.58 2.14 -5.56
C PHE A 4 26.88 2.20 -4.82
N ARG A 5 26.90 2.90 -3.69
CA ARG A 5 28.13 3.06 -2.91
C ARG A 5 28.42 1.75 -2.21
N GLN A 6 29.67 1.31 -2.26
CA GLN A 6 30.01 -0.01 -1.76
C GLN A 6 30.58 0.04 -0.36
N GLU A 7 30.63 1.22 0.25
CA GLU A 7 31.11 1.30 1.60
C GLU A 7 30.03 0.83 2.58
N ASN A 8 30.43 0.63 3.81
CA ASN A 8 29.51 0.22 4.85
C ASN A 8 28.64 1.40 5.31
N VAL A 9 27.34 1.30 5.10
CA VAL A 9 26.37 2.29 5.52
C VAL A 9 26.48 2.62 7.02
N ASP A 10 26.86 1.64 7.83
CA ASP A 10 26.96 1.87 9.27
C ASP A 10 28.12 2.81 9.63
N ASP A 11 29.09 2.95 8.72
CA ASP A 11 30.14 3.98 8.87
C ASP A 11 29.56 5.38 8.87
N TYR A 12 28.45 5.59 8.15
CA TYR A 12 27.87 6.92 7.88
C TYR A 12 26.53 7.17 8.54
N TYR A 13 25.86 6.11 8.96
CA TYR A 13 24.53 6.19 9.56
C TYR A 13 24.39 5.43 10.86
N ASP A 14 23.66 6.04 11.79
CA ASP A 14 23.10 5.33 12.91
C ASP A 14 21.77 4.81 12.36
N THR A 15 21.43 3.59 12.75
CA THR A 15 20.25 2.91 12.30
C THR A 15 19.30 2.79 13.48
N GLY A 16 18.01 3.05 13.26
CA GLY A 16 17.07 3.16 14.35
C GLY A 16 16.01 2.08 14.35
N GLU A 17 14.78 2.49 14.68
CA GLU A 17 13.67 1.56 14.79
C GLU A 17 13.14 1.20 13.40
N GLU A 18 12.45 0.06 13.34
CA GLU A 18 11.87 -0.48 12.14
C GLU A 18 10.54 0.19 11.87
N LEU A 19 10.44 0.85 10.71
CA LEU A 19 9.26 1.63 10.29
C LEU A 19 8.31 0.85 9.38
N GLY A 20 8.81 -0.24 8.80
CA GLY A 20 8.05 -1.00 7.81
C GLY A 20 8.70 -2.34 7.52
N SER A 21 7.87 -3.29 7.10
CA SER A 21 8.26 -4.69 6.93
C SER A 21 7.66 -5.21 5.62
N GLY A 22 8.24 -4.80 4.51
CA GLY A 22 7.75 -5.17 3.19
C GLY A 22 7.99 -6.62 2.83
N GLN A 23 7.70 -6.96 1.58
CA GLN A 23 7.73 -8.35 1.13
C GLN A 23 9.15 -8.93 1.04
N PHE A 24 10.08 -8.19 0.44
CA PHE A 24 11.49 -8.55 0.56
C PHE A 24 12.30 -7.33 1.03
N ALA A 25 11.71 -6.51 1.90
CA ALA A 25 12.32 -5.27 2.34
C ALA A 25 11.96 -4.91 3.79
N VAL A 26 12.87 -4.20 4.46
CA VAL A 26 12.61 -3.63 5.78
C VAL A 26 13.00 -2.15 5.69
N VAL A 27 12.26 -1.29 6.36
CA VAL A 27 12.63 0.11 6.45
C VAL A 27 12.94 0.41 7.90
N LYS A 28 14.07 1.08 8.12
CA LYS A 28 14.47 1.48 9.44
C LYS A 28 14.72 2.98 9.39
N LYS A 29 14.52 3.65 10.52
CA LYS A 29 14.86 5.07 10.58
C LYS A 29 16.36 5.11 10.69
N CYS A 30 17.00 6.08 10.08
CA CYS A 30 18.43 6.21 10.25
C CYS A 30 18.80 7.68 10.42
N ARG A 31 19.99 7.92 10.94
CA ARG A 31 20.51 9.24 11.12
C ARG A 31 21.90 9.30 10.54
N GLU A 32 22.11 10.27 9.66
CA GLU A 32 23.41 10.54 9.09
C GLU A 32 24.28 11.17 10.18
N LYS A 33 25.44 10.59 10.45
CA LYS A 33 26.25 10.99 11.60
C LYS A 33 26.81 12.40 11.46
N SER A 34 27.27 12.74 10.26
CA SER A 34 27.90 14.02 10.00
C SER A 34 26.95 15.22 10.18
N THR A 35 25.72 15.07 9.74
CA THR A 35 24.76 16.16 9.79
C THR A 35 23.72 16.05 10.90
N GLY A 36 23.53 14.85 11.46
CA GLY A 36 22.45 14.61 12.42
C GLY A 36 21.05 14.47 11.78
N LEU A 37 20.96 14.49 10.46
CA LEU A 37 19.70 14.51 9.78
C LEU A 37 19.13 13.11 9.63
N GLN A 38 17.83 12.98 9.79
CA GLN A 38 17.17 11.71 9.79
C GLN A 38 16.67 11.35 8.42
N TYR A 39 16.77 10.07 8.12
CA TYR A 39 16.25 9.53 6.88
C TYR A 39 15.54 8.21 7.16
N ALA A 40 15.01 7.62 6.10
CA ALA A 40 14.55 6.21 6.10
C ALA A 40 15.53 5.33 5.28
N ALA A 41 15.96 4.22 5.84
CA ALA A 41 16.81 3.28 5.12
C ALA A 41 15.96 2.06 4.78
N LYS A 42 15.75 1.84 3.50
CA LYS A 42 15.00 0.67 3.01
C LYS A 42 15.98 -0.35 2.48
N PHE A 43 16.03 -1.53 3.11
CA PHE A 43 16.91 -2.63 2.75
C PHE A 43 16.15 -3.57 1.84
N ILE A 44 16.46 -3.51 0.54
CA ILE A 44 15.88 -4.32 -0.49
C ILE A 44 16.76 -5.56 -0.71
N LYS A 45 16.20 -6.74 -0.48
CA LYS A 45 16.91 -7.97 -0.68
C LYS A 45 17.10 -8.29 -2.18
N LYS A 46 18.33 -8.58 -2.60
CA LYS A 46 18.59 -8.94 -4.00
C LYS A 46 18.32 -10.39 -4.22
N ARG A 47 17.84 -10.76 -5.40
CA ARG A 47 17.71 -12.17 -5.68
C ARG A 47 19.09 -12.82 -5.70
N ARG A 48 19.20 -13.98 -5.07
CA ARG A 48 20.48 -14.59 -4.78
C ARG A 48 21.03 -15.36 -5.99
N THR A 49 20.13 -15.74 -6.91
CA THR A 49 20.51 -16.27 -8.22
C THR A 49 19.44 -15.88 -9.23
N LYS A 50 19.75 -16.02 -10.51
CA LYS A 50 18.86 -15.58 -11.59
C LYS A 50 17.51 -16.29 -11.61
N SER A 51 17.52 -17.59 -11.34
CA SER A 51 16.29 -18.37 -11.35
C SER A 51 15.48 -18.22 -10.05
N SER A 52 16.07 -17.66 -9.00
CA SER A 52 15.36 -17.55 -7.72
C SER A 52 14.22 -16.54 -7.87
N ARG A 53 13.02 -16.92 -7.44
CA ARG A 53 11.84 -16.04 -7.52
C ARG A 53 11.78 -15.16 -6.27
N ARG A 54 12.67 -15.41 -5.34
CA ARG A 54 12.78 -14.68 -4.08
C ARG A 54 13.74 -13.51 -4.29
N GLY A 55 13.44 -12.34 -3.73
CA GLY A 55 14.30 -11.15 -3.84
C GLY A 55 14.02 -10.28 -5.05
N VAL A 56 14.73 -9.16 -5.17
CA VAL A 56 14.49 -8.27 -6.30
C VAL A 56 15.65 -8.35 -7.29
N SER A 57 15.36 -8.40 -8.58
CA SER A 57 16.41 -8.48 -9.58
C SER A 57 17.16 -7.16 -9.62
N ARG A 58 18.38 -7.21 -10.10
CA ARG A 58 19.20 -6.05 -10.20
C ARG A 58 18.64 -5.10 -11.25
N GLU A 59 18.16 -5.66 -12.35
CA GLU A 59 17.47 -4.90 -13.35
C GLU A 59 16.36 -4.06 -12.68
N ASP A 60 15.55 -4.67 -11.80
CA ASP A 60 14.44 -3.89 -11.20
C ASP A 60 14.94 -2.88 -10.24
N ILE A 61 16.01 -3.20 -9.51
CA ILE A 61 16.50 -2.25 -8.51
C ILE A 61 17.12 -1.03 -9.20
N GLU A 62 17.89 -1.27 -10.26
CA GLU A 62 18.52 -0.18 -11.02
C GLU A 62 17.47 0.72 -11.63
N ARG A 63 16.43 0.14 -12.16
CA ARG A 63 15.38 0.95 -12.74
C ARG A 63 14.79 1.86 -11.68
N GLU A 64 14.50 1.30 -10.50
CA GLU A 64 13.84 2.11 -9.47
C GLU A 64 14.77 3.23 -9.05
N VAL A 65 16.02 2.88 -8.83
CA VAL A 65 17.00 3.84 -8.36
C VAL A 65 17.27 4.93 -9.38
N SER A 66 17.38 4.52 -10.66
CA SER A 66 17.64 5.44 -11.75
C SER A 66 16.53 6.51 -11.82
N ILE A 67 15.28 6.11 -11.56
CA ILE A 67 14.17 7.02 -11.52
C ILE A 67 14.24 7.88 -10.28
N LEU A 68 14.47 7.27 -9.12
CA LEU A 68 14.53 8.01 -7.87
C LEU A 68 15.63 9.08 -7.83
N LYS A 69 16.80 8.77 -8.42
CA LYS A 69 17.90 9.71 -8.44
C LYS A 69 17.54 10.99 -9.19
N GLU A 70 16.60 10.89 -10.12
CA GLU A 70 16.27 11.99 -10.95
C GLU A 70 15.26 12.94 -10.31
N ILE A 71 14.55 12.47 -9.30
CA ILE A 71 13.38 13.17 -8.79
C ILE A 71 13.74 14.25 -7.74
N GLN A 72 13.26 15.47 -7.98
CA GLN A 72 13.45 16.59 -7.09
C GLN A 72 12.18 17.45 -7.27
N HIS A 73 11.22 17.22 -6.37
CA HIS A 73 9.96 17.97 -6.30
C HIS A 73 9.43 17.89 -4.86
N PRO A 74 8.82 18.97 -4.36
CA PRO A 74 8.34 18.98 -2.98
C PRO A 74 7.21 17.97 -2.68
N ASN A 75 6.53 17.46 -3.70
CA ASN A 75 5.48 16.45 -3.51
C ASN A 75 5.81 15.01 -3.89
N VAL A 76 7.09 14.71 -4.06
CA VAL A 76 7.55 13.36 -4.42
C VAL A 76 8.73 13.06 -3.51
N ILE A 77 8.79 11.85 -3.01
CA ILE A 77 9.90 11.44 -2.12
C ILE A 77 11.23 11.50 -2.85
N THR A 78 12.27 11.94 -2.15
CA THR A 78 13.58 12.10 -2.75
C THR A 78 14.56 11.01 -2.24
N LEU A 79 15.58 10.73 -3.04
CA LEU A 79 16.54 9.69 -2.67
C LEU A 79 17.79 10.42 -2.29
N HIS A 80 18.36 10.07 -1.13
CA HIS A 80 19.50 10.76 -0.61
C HIS A 80 20.76 10.07 -1.09
N GLU A 81 20.92 8.79 -0.78
CA GLU A 81 22.10 8.02 -1.23
C GLU A 81 21.68 6.58 -1.41
N VAL A 82 22.52 5.77 -2.06
CA VAL A 82 22.24 4.33 -2.17
CA VAL A 82 22.25 4.33 -2.21
C VAL A 82 23.52 3.59 -1.84
N TYR A 83 23.38 2.53 -1.03
CA TYR A 83 24.48 1.63 -0.65
C TYR A 83 24.13 0.23 -1.07
N GLU A 84 25.15 -0.62 -1.15
CA GLU A 84 24.95 -2.00 -1.59
C GLU A 84 25.95 -2.89 -0.90
N ASN A 85 25.46 -3.96 -0.29
CA ASN A 85 26.34 -5.00 0.19
C ASN A 85 26.02 -6.31 -0.54
N LYS A 86 26.55 -7.41 -0.05
CA LYS A 86 26.40 -8.71 -0.70
C LYS A 86 24.92 -9.09 -0.87
N THR A 87 24.14 -8.83 0.17
CA THR A 87 22.77 -9.33 0.25
C THR A 87 21.74 -8.27 -0.12
N ASP A 88 22.05 -6.99 0.13
CA ASP A 88 21.05 -5.90 0.03
C ASP A 88 21.45 -4.65 -0.76
N VAL A 89 20.46 -3.95 -1.27
CA VAL A 89 20.66 -2.60 -1.79
C VAL A 89 19.90 -1.76 -0.82
N ILE A 90 20.57 -0.74 -0.29
CA ILE A 90 20.04 0.03 0.80
C ILE A 90 19.74 1.42 0.26
N LEU A 91 18.47 1.79 0.30
CA LEU A 91 18.06 3.09 -0.19
C LEU A 91 17.97 4.05 0.97
N ILE A 92 18.70 5.17 0.92
CA ILE A 92 18.56 6.20 1.96
C ILE A 92 17.59 7.25 1.43
N LEU A 93 16.39 7.23 1.96
CA LEU A 93 15.34 8.03 1.40
C LEU A 93 14.91 9.13 2.36
N GLU A 94 14.35 10.21 1.80
CA GLU A 94 13.63 11.17 2.59
C GLU A 94 12.68 10.46 3.56
N LEU A 95 12.72 10.86 4.83
CA LEU A 95 11.87 10.33 5.87
C LEU A 95 10.50 10.97 5.75
N VAL A 96 9.50 10.15 5.50
CA VAL A 96 8.17 10.65 5.29
C VAL A 96 7.31 10.01 6.39
N ALA A 97 7.08 10.76 7.48
CA ALA A 97 6.51 10.21 8.70
C ALA A 97 5.08 10.67 9.05
N GLY A 98 4.39 11.38 8.18
CA GLY A 98 3.04 11.85 8.54
C GLY A 98 1.90 10.85 8.31
N GLY A 99 2.23 9.63 7.94
CA GLY A 99 1.24 8.64 7.54
C GLY A 99 0.50 8.90 6.23
N GLU A 100 -0.49 8.07 5.93
CA GLU A 100 -1.27 8.17 4.68
C GLU A 100 -2.18 9.38 4.74
N LEU A 101 -2.39 10.02 3.59
CA LEU A 101 -3.34 11.15 3.48
C LEU A 101 -4.70 10.79 3.99
N PHE A 102 -5.19 9.63 3.59
CA PHE A 102 -6.56 9.23 3.97
C PHE A 102 -6.69 9.08 5.48
N ASP A 103 -5.63 8.64 6.14
CA ASP A 103 -5.68 8.49 7.60
C ASP A 103 -5.73 9.83 8.32
N PHE A 104 -5.01 10.80 7.79
CA PHE A 104 -5.12 12.14 8.28
C PHE A 104 -6.54 12.70 8.07
N LEU A 105 -7.05 12.61 6.85
CA LEU A 105 -8.37 13.12 6.52
C LEU A 105 -9.47 12.49 7.34
N ALA A 106 -9.30 11.21 7.65
CA ALA A 106 -10.28 10.47 8.43
C ALA A 106 -10.38 10.88 9.91
N GLU A 107 -9.43 11.68 10.41
CA GLU A 107 -9.53 12.28 11.73
C GLU A 107 -10.37 13.56 11.72
N LYS A 108 -10.75 14.07 10.56
CA LYS A 108 -11.39 15.36 10.49
C LYS A 108 -12.89 15.22 10.73
N GLU A 109 -13.49 16.26 11.29
CA GLU A 109 -14.93 16.30 11.45
C GLU A 109 -15.63 16.32 10.10
N SER A 110 -15.13 17.16 9.22
CA SER A 110 -15.76 17.43 7.94
C SER A 110 -14.67 17.81 6.99
N LEU A 111 -14.96 17.67 5.71
CA LEU A 111 -14.02 18.03 4.68
C LEU A 111 -14.82 18.56 3.50
N THR A 112 -14.55 19.79 3.07
CA THR A 112 -15.22 20.33 1.88
C THR A 112 -14.45 19.97 0.63
N GLU A 113 -15.09 20.04 -0.53
CA GLU A 113 -14.37 19.81 -1.81
C GLU A 113 -13.20 20.79 -2.01
N GLU A 114 -13.37 22.00 -1.49
CA GLU A 114 -12.33 23.01 -1.47
C GLU A 114 -11.09 22.45 -0.81
N GLU A 115 -11.22 22.08 0.45
CA GLU A 115 -10.11 21.51 1.25
C GLU A 115 -9.51 20.28 0.60
N ALA A 116 -10.37 19.41 0.05
CA ALA A 116 -9.93 18.17 -0.58
C ALA A 116 -9.05 18.43 -1.83
N THR A 117 -9.38 19.49 -2.58
CA THR A 117 -8.63 19.81 -3.79
C THR A 117 -7.28 20.42 -3.46
N GLU A 118 -7.18 21.14 -2.34
CA GLU A 118 -5.88 21.59 -1.80
C GLU A 118 -4.85 20.43 -1.64
N PHE A 119 -5.31 19.27 -1.20
CA PHE A 119 -4.45 18.10 -1.11
C PHE A 119 -4.32 17.51 -2.51
N LEU A 120 -5.45 17.39 -3.21
CA LEU A 120 -5.46 16.87 -4.58
C LEU A 120 -4.49 17.64 -5.48
N LYS A 121 -4.54 18.96 -5.43
CA LYS A 121 -3.63 19.79 -6.20
C LYS A 121 -2.15 19.35 -6.07
N GLN A 122 -1.75 19.00 -4.84
CA GLN A 122 -0.35 18.63 -4.61
C GLN A 122 -0.01 17.32 -5.29
N ILE A 123 -0.94 16.42 -5.28
CA ILE A 123 -0.72 15.16 -5.96
C ILE A 123 -0.56 15.40 -7.47
N LEU A 124 -1.45 16.22 -8.02
CA LEU A 124 -1.43 16.56 -9.42
C LEU A 124 -0.14 17.30 -9.82
N ASN A 125 0.38 18.18 -8.96
CA ASN A 125 1.67 18.83 -9.25
C ASN A 125 2.81 17.82 -9.25
N GLY A 126 2.80 16.88 -8.33
CA GLY A 126 3.83 15.83 -8.26
C GLY A 126 3.78 14.93 -9.49
N VAL A 127 2.59 14.58 -9.94
CA VAL A 127 2.42 13.77 -11.16
C VAL A 127 2.76 14.60 -12.43
N TYR A 128 2.45 15.88 -12.46
CA TYR A 128 2.80 16.69 -13.61
C TYR A 128 4.33 16.74 -13.75
N TYR A 129 5.04 16.86 -12.62
CA TYR A 129 6.49 16.83 -12.60
C TYR A 129 7.05 15.50 -13.13
N LEU A 130 6.50 14.37 -12.68
CA LEU A 130 6.94 13.06 -13.10
C LEU A 130 6.67 12.86 -14.61
N HIS A 131 5.45 13.18 -15.03
CA HIS A 131 5.08 13.08 -16.42
C HIS A 131 5.91 13.96 -17.37
N SER A 132 6.29 15.15 -16.93
CA SER A 132 7.20 16.03 -17.64
C SER A 132 8.59 15.39 -17.83
N LEU A 133 8.95 14.47 -16.93
CA LEU A 133 10.20 13.73 -17.07
C LEU A 133 9.93 12.36 -17.70
N GLN A 134 8.77 12.21 -18.29
CA GLN A 134 8.34 10.93 -18.92
C GLN A 134 8.35 9.73 -17.94
N ILE A 135 8.08 9.96 -16.66
CA ILE A 135 8.05 8.89 -15.67
C ILE A 135 6.60 8.50 -15.37
N ALA A 136 6.29 7.23 -15.54
CA ALA A 136 4.98 6.71 -15.14
C ALA A 136 5.13 6.00 -13.79
N HIS A 137 4.29 6.38 -12.82
CA HIS A 137 4.38 5.82 -11.47
C HIS A 137 3.91 4.37 -11.46
N PHE A 138 2.72 4.18 -12.00
CA PHE A 138 2.04 2.87 -12.17
C PHE A 138 1.55 2.23 -10.87
N ASP A 139 1.52 2.96 -9.77
CA ASP A 139 1.02 2.38 -8.49
C ASP A 139 0.42 3.49 -7.63
N LEU A 140 -0.21 4.44 -8.30
CA LEU A 140 -0.86 5.49 -7.59
C LEU A 140 -2.11 4.91 -6.98
N LYS A 141 -2.17 5.01 -5.66
CA LYS A 141 -3.27 4.54 -4.82
C LYS A 141 -3.10 5.19 -3.44
N PRO A 142 -4.17 5.22 -2.62
CA PRO A 142 -4.07 6.02 -1.38
C PRO A 142 -2.92 5.68 -0.45
N GLU A 143 -2.57 4.42 -0.28
CA GLU A 143 -1.41 4.09 0.55
C GLU A 143 -0.06 4.64 0.03
N ASN A 144 0.02 5.05 -1.23
CA ASN A 144 1.25 5.68 -1.71
C ASN A 144 1.20 7.18 -1.71
N ILE A 145 0.14 7.73 -1.12
CA ILE A 145 0.01 9.18 -0.93
C ILE A 145 0.11 9.46 0.55
N MET A 146 1.28 9.96 0.94
CA MET A 146 1.65 10.16 2.34
C MET A 146 1.75 11.64 2.67
N LEU A 147 1.92 11.96 3.95
CA LEU A 147 2.17 13.31 4.40
C LEU A 147 3.55 13.37 5.02
N LEU A 148 4.30 14.42 4.71
CA LEU A 148 5.59 14.65 5.32
C LEU A 148 5.43 14.76 6.83
N ASP A 149 4.52 15.61 7.27
CA ASP A 149 4.32 15.89 8.68
C ASP A 149 2.86 16.25 8.91
N ARG A 150 2.17 15.49 9.74
CA ARG A 150 0.73 15.68 9.90
C ARG A 150 0.35 16.76 10.93
N ASN A 151 1.31 17.31 11.67
CA ASN A 151 0.96 18.30 12.70
C ASN A 151 1.29 19.75 12.33
N VAL A 152 1.32 20.08 11.04
CA VAL A 152 1.42 21.47 10.58
C VAL A 152 0.02 21.90 10.10
N PRO A 153 -0.19 23.22 9.96
CA PRO A 153 -1.49 23.72 9.47
C PRO A 153 -1.78 23.40 8.00
N LYS A 154 -0.73 23.28 7.16
CA LYS A 154 -0.89 22.89 5.75
C LYS A 154 0.03 21.73 5.37
N PRO A 155 -0.39 20.48 5.67
CA PRO A 155 0.47 19.32 5.44
C PRO A 155 0.85 19.08 3.97
N ARG A 156 2.07 18.61 3.76
CA ARG A 156 2.61 18.44 2.45
C ARG A 156 2.54 16.99 1.99
N ILE A 157 1.95 16.78 0.81
CA ILE A 157 1.84 15.47 0.20
C ILE A 157 3.22 15.06 -0.30
N LYS A 158 3.58 13.80 -0.11
CA LYS A 158 4.68 13.13 -0.78
C LYS A 158 4.16 11.88 -1.43
N ILE A 159 4.36 11.76 -2.75
CA ILE A 159 4.11 10.51 -3.44
C ILE A 159 5.30 9.55 -3.20
N ILE A 160 5.02 8.28 -2.89
CA ILE A 160 6.07 7.33 -2.60
C ILE A 160 5.89 6.06 -3.43
N ASP A 161 6.86 5.14 -3.29
CA ASP A 161 6.82 3.77 -3.81
CA ASP A 161 6.81 3.75 -3.77
C ASP A 161 6.86 3.71 -5.32
N PHE A 162 8.09 3.78 -5.83
CA PHE A 162 8.40 3.79 -7.24
C PHE A 162 8.81 2.44 -7.76
N GLY A 163 8.54 1.36 -7.01
CA GLY A 163 8.87 0.01 -7.43
C GLY A 163 8.25 -0.51 -8.73
N LEU A 164 7.17 0.11 -9.22
CA LEU A 164 6.58 -0.30 -10.49
C LEU A 164 6.78 0.75 -11.60
N ALA A 165 7.45 1.85 -11.27
CA ALA A 165 7.54 3.01 -12.15
C ALA A 165 8.49 2.77 -13.32
N HIS A 166 8.16 3.38 -14.45
CA HIS A 166 8.94 3.29 -15.68
C HIS A 166 9.03 4.64 -16.34
N LYS A 167 10.16 4.84 -17.00
CA LYS A 167 10.31 5.85 -18.02
C LYS A 167 9.55 5.36 -19.24
N ILE A 168 8.70 6.21 -19.79
CA ILE A 168 7.90 5.80 -20.93
C ILE A 168 8.72 6.04 -22.17
N ASP A 169 8.93 4.96 -22.89
CA ASP A 169 9.80 4.95 -24.01
C ASP A 169 9.24 3.77 -24.76
N PHE A 170 9.57 3.67 -26.02
CA PHE A 170 9.20 2.53 -26.84
C PHE A 170 9.48 1.16 -26.18
N GLY A 171 10.67 1.00 -25.60
CA GLY A 171 11.03 -0.18 -24.79
C GLY A 171 10.37 -0.25 -23.40
N ASN A 172 10.50 -1.41 -22.75
CA ASN A 172 9.46 -1.92 -21.82
C ASN A 172 9.01 -1.16 -20.54
N GLU A 173 7.94 -0.38 -20.70
CA GLU A 173 7.00 -0.05 -19.60
C GLU A 173 6.40 -1.26 -18.84
N PHE A 174 6.77 -2.49 -19.22
CA PHE A 174 5.91 -3.66 -18.96
C PHE A 174 6.54 -4.92 -18.38
N LYS A 175 5.67 -5.57 -17.63
CA LYS A 175 5.50 -7.03 -17.54
C LYS A 175 5.24 -7.36 -16.08
N ASN A 176 6.12 -6.84 -15.20
CA ASN A 176 5.88 -6.85 -13.75
C ASN A 176 5.10 -5.60 -13.38
N ILE A 177 4.05 -5.30 -14.14
CA ILE A 177 3.31 -4.03 -14.00
C ILE A 177 2.05 -4.18 -13.12
N PHE A 178 1.82 -5.39 -12.63
CA PHE A 178 0.60 -5.76 -11.92
C PHE A 178 0.49 -5.12 -10.53
N GLY A 179 -0.41 -4.15 -10.40
CA GLY A 179 -0.69 -3.47 -9.14
C GLY A 179 -1.99 -3.94 -8.51
N THR A 180 -2.69 -3.03 -7.83
CA THR A 180 -3.93 -3.40 -7.15
C THR A 180 -5.11 -3.28 -8.10
N PRO A 181 -5.87 -4.37 -8.32
CA PRO A 181 -7.05 -4.36 -9.21
C PRO A 181 -7.92 -3.10 -9.14
N GLU A 182 -8.26 -2.61 -7.95
CA GLU A 182 -9.24 -1.50 -7.83
C GLU A 182 -8.75 -0.20 -8.46
N PHE A 183 -7.44 -0.10 -8.70
CA PHE A 183 -6.77 1.14 -9.13
C PHE A 183 -6.12 1.07 -10.51
N VAL A 184 -6.08 -0.09 -11.15
CA VAL A 184 -5.36 -0.19 -12.40
C VAL A 184 -6.26 0.14 -13.56
N ALA A 185 -5.70 0.81 -14.56
CA ALA A 185 -6.44 1.19 -15.79
C ALA A 185 -6.76 0.00 -16.66
N PRO A 186 -7.73 0.18 -17.57
CA PRO A 186 -8.13 -0.92 -18.43
C PRO A 186 -6.98 -1.43 -19.29
N GLU A 187 -6.13 -0.54 -19.80
CA GLU A 187 -5.01 -0.98 -20.61
C GLU A 187 -4.07 -1.95 -19.84
N ILE A 188 -3.95 -1.78 -18.52
CA ILE A 188 -3.13 -2.68 -17.72
C ILE A 188 -3.80 -4.03 -17.60
N VAL A 189 -5.10 -4.01 -17.30
CA VAL A 189 -5.86 -5.25 -17.07
C VAL A 189 -5.93 -6.06 -18.36
N ASN A 190 -5.93 -5.36 -19.50
CA ASN A 190 -6.08 -6.02 -20.79
C ASN A 190 -4.80 -6.24 -21.59
N TYR A 191 -3.65 -5.97 -20.95
CA TYR A 191 -2.34 -6.21 -21.54
C TYR A 191 -2.13 -5.41 -22.83
N GLU A 192 -2.53 -4.14 -22.82
CA GLU A 192 -2.41 -3.26 -23.98
C GLU A 192 -1.28 -2.25 -23.73
N PRO A 193 -0.86 -1.50 -24.77
CA PRO A 193 0.20 -0.48 -24.55
C PRO A 193 -0.04 0.42 -23.37
N LEU A 194 1.02 0.71 -22.61
CA LEU A 194 0.89 1.60 -21.46
C LEU A 194 1.67 2.88 -21.66
N GLY A 195 1.17 3.96 -21.06
CA GLY A 195 1.94 5.19 -20.99
C GLY A 195 1.67 5.94 -19.69
N LEU A 196 1.77 7.27 -19.78
CA LEU A 196 1.45 8.16 -18.74
C LEU A 196 -0.03 8.17 -18.38
N GLU A 197 -0.86 7.70 -19.30
CA GLU A 197 -2.30 7.78 -19.11
C GLU A 197 -2.83 6.89 -17.97
N ALA A 198 -2.14 5.79 -17.68
CA ALA A 198 -2.54 4.87 -16.61
C ALA A 198 -2.55 5.57 -15.25
N ASP A 199 -1.57 6.45 -15.01
CA ASP A 199 -1.55 7.24 -13.78
C ASP A 199 -2.78 8.17 -13.71
N MET A 200 -3.24 8.71 -14.84
CA MET A 200 -4.41 9.58 -14.83
C MET A 200 -5.69 8.83 -14.42
N TRP A 201 -5.83 7.57 -14.85
CA TRP A 201 -6.97 6.74 -14.44
C TRP A 201 -6.89 6.56 -12.93
N SER A 202 -5.73 6.11 -12.45
CA SER A 202 -5.52 5.93 -11.01
C SER A 202 -5.95 7.16 -10.26
N ILE A 203 -5.66 8.34 -10.78
CA ILE A 203 -6.05 9.56 -10.07
C ILE A 203 -7.57 9.75 -9.96
N GLY A 204 -8.28 9.37 -11.00
CA GLY A 204 -9.73 9.41 -10.97
C GLY A 204 -10.32 8.46 -9.94
N VAL A 205 -9.67 7.33 -9.72
CA VAL A 205 -10.17 6.34 -8.79
C VAL A 205 -9.94 6.85 -7.36
N ILE A 206 -8.75 7.38 -7.11
CA ILE A 206 -8.44 8.05 -5.84
C ILE A 206 -9.41 9.20 -5.52
N THR A 207 -9.73 9.99 -6.53
CA THR A 207 -10.56 11.13 -6.30
C THR A 207 -11.96 10.66 -5.99
N TYR A 208 -12.37 9.61 -6.68
CA TYR A 208 -13.68 9.04 -6.49
C TYR A 208 -13.87 8.61 -5.01
N ILE A 209 -12.85 7.96 -4.47
CA ILE A 209 -12.90 7.47 -3.09
C ILE A 209 -12.76 8.63 -2.12
N LEU A 210 -11.89 9.59 -2.44
CA LEU A 210 -11.74 10.80 -1.64
C LEU A 210 -13.12 11.39 -1.29
N LEU A 211 -13.96 11.59 -2.29
CA LEU A 211 -15.20 12.32 -2.11
C LEU A 211 -16.32 11.46 -1.53
N SER A 212 -16.29 10.16 -1.75
CA SER A 212 -17.49 9.33 -1.50
C SER A 212 -17.38 8.28 -0.42
N GLY A 213 -16.18 7.78 -0.19
CA GLY A 213 -15.99 6.57 0.60
C GLY A 213 -16.50 5.29 -0.06
N ALA A 214 -16.52 5.29 -1.39
CA ALA A 214 -16.80 4.06 -2.14
C ALA A 214 -15.74 3.87 -3.21
N SER A 215 -15.57 2.63 -3.63
CA SER A 215 -14.58 2.25 -4.60
C SER A 215 -15.30 1.92 -5.88
N PRO A 216 -14.96 2.61 -6.97
CA PRO A 216 -15.82 2.61 -8.16
C PRO A 216 -16.01 1.25 -8.82
N PHE A 217 -14.94 0.50 -8.96
CA PHE A 217 -14.93 -0.73 -9.73
C PHE A 217 -14.83 -2.00 -8.89
N LEU A 218 -14.82 -1.86 -7.56
CA LEU A 218 -14.72 -3.02 -6.64
C LEU A 218 -15.91 -3.95 -6.77
N GLY A 219 -15.63 -5.24 -6.87
CA GLY A 219 -16.67 -6.28 -6.82
C GLY A 219 -16.41 -7.23 -5.66
N ASP A 220 -17.28 -8.22 -5.49
CA ASP A 220 -17.09 -9.19 -4.40
C ASP A 220 -15.77 -9.96 -4.50
N THR A 221 -15.25 -10.06 -5.73
CA THR A 221 -14.11 -10.90 -6.04
C THR A 221 -13.07 -10.11 -6.83
N LYS A 222 -11.95 -10.73 -7.12
CA LYS A 222 -10.91 -10.08 -7.94
C LYS A 222 -11.30 -10.04 -9.42
N GLN A 223 -12.08 -11.03 -9.87
CA GLN A 223 -12.51 -11.14 -11.27
C GLN A 223 -13.54 -10.08 -11.64
N GLU A 224 -14.56 -9.94 -10.79
CA GLU A 224 -15.55 -8.89 -10.96
C GLU A 224 -14.86 -7.53 -10.97
N THR A 225 -13.98 -7.31 -10.00
CA THR A 225 -13.23 -6.07 -9.95
C THR A 225 -12.57 -5.78 -11.31
N LEU A 226 -11.76 -6.72 -11.80
CA LEU A 226 -11.02 -6.54 -13.05
C LEU A 226 -11.95 -6.42 -14.25
N ALA A 227 -13.06 -7.16 -14.21
CA ALA A 227 -14.08 -7.08 -15.25
C ALA A 227 -14.74 -5.71 -15.28
N ASN A 228 -15.05 -5.17 -14.10
CA ASN A 228 -15.65 -3.84 -14.03
C ASN A 228 -14.68 -2.75 -14.54
N VAL A 229 -13.38 -2.91 -14.25
CA VAL A 229 -12.37 -2.00 -14.80
C VAL A 229 -12.35 -2.12 -16.32
N SER A 230 -12.31 -3.35 -16.83
CA SER A 230 -12.24 -3.55 -18.27
C SER A 230 -13.46 -2.96 -18.98
N ALA A 231 -14.64 -3.08 -18.36
CA ALA A 231 -15.88 -2.53 -18.90
C ALA A 231 -16.11 -1.05 -18.54
N VAL A 232 -15.23 -0.44 -17.75
CA VAL A 232 -15.48 0.91 -17.20
C VAL A 232 -16.90 1.00 -16.63
N ASN A 233 -17.27 -0.02 -15.87
CA ASN A 233 -18.59 -0.13 -15.28
C ASN A 233 -18.58 0.44 -13.87
N TYR A 234 -19.02 1.69 -13.73
CA TYR A 234 -19.17 2.32 -12.43
C TYR A 234 -20.38 3.25 -12.40
N GLU A 235 -20.66 3.82 -11.23
CA GLU A 235 -21.77 4.78 -11.09
C GLU A 235 -21.45 5.79 -10.00
N PHE A 236 -22.14 6.92 -10.04
CA PHE A 236 -22.25 7.79 -8.88
C PHE A 236 -23.56 7.48 -8.16
N GLU A 237 -23.46 6.69 -7.11
CA GLU A 237 -24.64 6.29 -6.33
C GLU A 237 -25.08 7.43 -5.43
N ASP A 238 -26.39 7.64 -5.37
CA ASP A 238 -26.95 8.72 -4.56
C ASP A 238 -26.60 8.53 -3.10
N GLU A 239 -26.55 7.28 -2.64
CA GLU A 239 -26.10 6.94 -1.29
C GLU A 239 -24.78 7.64 -0.91
N TYR A 240 -23.82 7.59 -1.81
CA TYR A 240 -22.49 8.12 -1.55
C TYR A 240 -22.28 9.53 -2.06
N PHE A 241 -23.02 9.93 -3.11
CA PHE A 241 -22.68 11.12 -3.90
C PHE A 241 -23.74 12.20 -3.94
N SER A 242 -24.63 12.27 -2.96
CA SER A 242 -25.73 13.25 -3.00
C SER A 242 -25.30 14.69 -2.74
N ASN A 243 -24.12 14.88 -2.14
CA ASN A 243 -23.59 16.22 -1.88
C ASN A 243 -22.39 16.54 -2.74
N THR A 244 -22.04 15.65 -3.66
CA THR A 244 -20.90 15.85 -4.54
C THR A 244 -21.25 16.79 -5.69
N SER A 245 -20.41 17.79 -5.93
CA SER A 245 -20.69 18.81 -6.95
C SER A 245 -20.59 18.24 -8.37
N ALA A 246 -21.28 18.90 -9.29
CA ALA A 246 -21.29 18.52 -10.70
C ALA A 246 -19.88 18.57 -11.24
N LEU A 247 -19.18 19.65 -10.91
CA LEU A 247 -17.78 19.83 -11.30
C LEU A 247 -16.89 18.64 -10.93
N ALA A 248 -17.00 18.15 -9.69
CA ALA A 248 -16.20 17.02 -9.21
C ALA A 248 -16.53 15.75 -9.98
N LYS A 249 -17.82 15.50 -10.22
CA LYS A 249 -18.26 14.32 -10.97
C LYS A 249 -17.66 14.30 -12.37
N ASP A 250 -17.64 15.47 -13.00
CA ASP A 250 -17.13 15.64 -14.37
C ASP A 250 -15.61 15.44 -14.40
N PHE A 251 -14.95 15.77 -13.30
CA PHE A 251 -13.51 15.61 -13.19
C PHE A 251 -13.29 14.12 -13.22
N ILE A 252 -14.02 13.39 -12.39
CA ILE A 252 -13.85 11.95 -12.32
C ILE A 252 -14.18 11.33 -13.66
N ARG A 253 -15.27 11.77 -14.24
CA ARG A 253 -15.78 11.20 -15.48
C ARG A 253 -14.77 11.28 -16.62
N ARG A 254 -13.98 12.34 -16.66
CA ARG A 254 -13.03 12.56 -17.74
C ARG A 254 -11.69 11.87 -17.51
N LEU A 255 -11.56 11.22 -16.36
CA LEU A 255 -10.37 10.44 -16.05
C LEU A 255 -10.70 8.94 -16.15
N LEU A 256 -11.91 8.58 -15.77
CA LEU A 256 -12.33 7.17 -15.86
C LEU A 256 -12.85 6.90 -17.26
N VAL A 257 -11.90 6.86 -18.20
CA VAL A 257 -12.19 6.72 -19.61
C VAL A 257 -11.32 5.61 -20.18
N LYS A 258 -11.95 4.67 -20.85
CA LYS A 258 -11.26 3.49 -21.32
C LYS A 258 -10.12 3.85 -22.27
N ASP A 259 -10.48 4.62 -23.28
CA ASP A 259 -9.56 5.01 -24.33
C ASP A 259 -8.53 5.95 -23.75
N PRO A 260 -7.27 5.47 -23.64
CA PRO A 260 -6.27 6.27 -22.97
C PRO A 260 -6.03 7.63 -23.65
N LYS A 261 -6.25 7.70 -24.95
CA LYS A 261 -6.02 8.94 -25.69
C LYS A 261 -7.12 10.00 -25.44
N LYS A 262 -8.28 9.55 -24.99
CA LYS A 262 -9.40 10.46 -24.69
C LYS A 262 -9.44 10.84 -23.22
N ARG A 263 -8.63 10.17 -22.42
CA ARG A 263 -8.53 10.44 -21.01
C ARG A 263 -7.81 11.78 -20.83
N MET A 264 -8.25 12.58 -19.85
CA MET A 264 -7.57 13.86 -19.54
C MET A 264 -6.11 13.62 -19.23
N THR A 265 -5.24 14.48 -19.70
CA THR A 265 -3.84 14.40 -19.35
C THR A 265 -3.68 15.03 -17.99
N ILE A 266 -2.48 14.99 -17.43
CA ILE A 266 -2.21 15.71 -16.19
C ILE A 266 -2.35 17.22 -16.36
N GLN A 267 -2.03 17.73 -17.54
CA GLN A 267 -2.16 19.17 -17.82
C GLN A 267 -3.61 19.58 -17.91
N ASP A 268 -4.40 18.75 -18.57
CA ASP A 268 -5.85 18.96 -18.65
C ASP A 268 -6.40 18.99 -17.24
N SER A 269 -6.04 18.00 -16.43
CA SER A 269 -6.58 17.88 -15.06
C SER A 269 -6.32 19.11 -14.19
N LEU A 270 -5.20 19.80 -14.42
CA LEU A 270 -4.82 20.97 -13.64
C LEU A 270 -5.51 22.23 -14.13
N GLN A 271 -5.97 22.23 -15.39
CA GLN A 271 -6.73 23.36 -15.92
C GLN A 271 -8.24 23.19 -15.70
N HIS A 272 -8.66 22.01 -15.24
CA HIS A 272 -10.06 21.67 -15.13
C HIS A 272 -10.75 22.50 -14.05
N PRO A 273 -11.95 23.04 -14.34
CA PRO A 273 -12.51 24.03 -13.40
C PRO A 273 -12.83 23.55 -11.97
N TRP A 274 -12.85 22.23 -11.71
CA TRP A 274 -12.96 21.74 -10.34
C TRP A 274 -11.67 22.00 -9.57
N ILE A 275 -10.55 21.95 -10.29
CA ILE A 275 -9.26 22.24 -9.71
C ILE A 275 -8.97 23.72 -9.83
N LYS A 276 -9.32 24.31 -10.97
CA LYS A 276 -9.06 25.72 -11.22
C LYS A 276 -10.33 26.43 -11.71
N PRO A 277 -11.21 26.83 -10.76
CA PRO A 277 -12.41 27.57 -11.11
C PRO A 277 -12.09 28.79 -11.96
N LYS A 278 -12.98 29.09 -12.90
CA LYS A 278 -12.82 30.26 -13.76
C LYS A 278 -13.55 31.48 -13.18
N ASP A 279 -14.51 31.23 -12.28
CA ASP A 279 -15.31 32.30 -11.64
C ASP A 279 -15.66 31.96 -10.18
N THR A 280 -16.32 32.89 -9.49
CA THR A 280 -16.78 32.65 -8.11
C THR A 280 -17.81 31.50 -8.04
N GLN A 281 -18.79 31.49 -8.95
CA GLN A 281 -19.78 30.39 -9.08
C GLN A 281 -19.19 28.99 -8.88
N GLN A 282 -18.20 28.67 -9.71
CA GLN A 282 -17.47 27.41 -9.59
C GLN A 282 -16.72 27.36 -8.26
N ALA A 283 -16.14 28.49 -7.85
CA ALA A 283 -15.39 28.54 -6.58
C ALA A 283 -16.28 28.30 -5.33
N LEU A 284 -17.34 29.08 -5.18
CA LEU A 284 -18.20 28.92 -4.01
C LEU A 284 -18.77 27.49 -3.94
N SER A 285 -19.44 27.04 -5.00
CA SER A 285 -19.81 25.63 -5.17
C SER A 285 -18.80 24.63 -4.55
N ARG A 286 -17.52 24.90 -4.72
CA ARG A 286 -16.50 24.00 -4.18
C ARG A 286 -16.47 24.10 -2.64
N LYS A 287 -16.74 25.31 -2.13
CA LYS A 287 -16.72 25.56 -0.69
C LYS A 287 -18.04 25.12 -0.04
N ALA A 288 -19.12 25.05 -0.81
CA ALA A 288 -20.43 24.70 -0.27
C ALA A 288 -20.60 23.19 -0.16
N SER A 289 -19.75 22.49 -0.89
CA SER A 289 -19.95 21.10 -1.25
C SER A 289 -18.97 20.23 -0.45
N ALA A 290 -19.50 19.35 0.40
CA ALA A 290 -18.70 18.60 1.38
C ALA A 290 -18.70 17.08 1.19
N VAL A 291 -17.58 16.48 1.59
CA VAL A 291 -17.37 15.05 1.49
C VAL A 291 -18.25 14.29 2.49
N ASN A 292 -18.64 13.08 2.06
CA ASN A 292 -19.34 12.12 2.89
C ASN A 292 -18.34 11.48 3.90
N MET A 293 -18.22 12.10 5.07
CA MET A 293 -17.17 11.79 6.04
C MET A 293 -17.44 10.52 6.86
N GLU A 294 -18.70 10.25 7.15
CA GLU A 294 -19.08 9.02 7.82
C GLU A 294 -18.68 7.80 7.00
N LYS A 295 -18.90 7.87 5.69
CA LYS A 295 -18.64 6.73 4.82
C LYS A 295 -17.16 6.67 4.47
N PHE A 296 -16.55 7.85 4.40
CA PHE A 296 -15.13 7.96 4.15
C PHE A 296 -14.34 7.34 5.30
N LYS A 297 -14.70 7.64 6.55
CA LYS A 297 -14.07 7.03 7.70
C LYS A 297 -14.29 5.52 7.74
N LYS A 298 -15.52 5.10 7.44
CA LYS A 298 -15.85 3.66 7.37
C LYS A 298 -14.97 3.01 6.33
N PHE A 299 -14.71 3.70 5.22
CA PHE A 299 -13.94 3.11 4.14
C PHE A 299 -12.46 2.97 4.50
N ALA A 300 -11.87 4.01 5.12
CA ALA A 300 -10.46 4.00 5.49
C ALA A 300 -10.18 2.91 6.50
N ALA A 301 -11.10 2.75 7.44
CA ALA A 301 -10.97 1.81 8.51
C ALA A 301 -11.18 0.38 8.04
N ARG A 302 -12.21 0.20 7.19
CA ARG A 302 -12.56 -1.11 6.66
C ARG A 302 -11.38 -1.57 5.79
N LYS A 303 -10.86 -0.67 4.98
CA LYS A 303 -9.67 -0.98 4.17
C LYS A 303 -8.54 -1.59 5.03
N LYS A 304 -8.22 -0.98 6.17
CA LYS A 304 -7.18 -1.51 7.04
C LYS A 304 -7.53 -2.86 7.68
N TRP A 305 -8.78 -3.01 8.12
CA TRP A 305 -9.26 -4.30 8.61
C TRP A 305 -9.25 -5.35 7.48
N LYS A 306 -9.57 -4.95 6.26
CA LYS A 306 -9.59 -5.88 5.10
C LYS A 306 -8.19 -6.40 4.80
N GLN A 307 -7.19 -5.55 5.04
CA GLN A 307 -5.81 -5.85 4.76
C GLN A 307 -5.28 -6.80 5.79
N SER A 308 -5.58 -6.52 7.05
CA SER A 308 -5.14 -7.35 8.16
C SER A 308 -5.71 -8.77 8.03
N VAL A 309 -7.01 -8.87 7.80
CA VAL A 309 -7.67 -10.16 7.58
C VAL A 309 -6.98 -10.92 6.46
N ARG A 310 -6.89 -10.27 5.30
CA ARG A 310 -6.27 -10.82 4.10
C ARG A 310 -4.87 -11.38 4.37
N LEU A 311 -4.16 -10.74 5.30
CA LEU A 311 -2.83 -11.17 5.74
C LEU A 311 -2.94 -12.44 6.56
N ILE A 312 -3.81 -12.39 7.57
CA ILE A 312 -4.05 -13.52 8.45
C ILE A 312 -4.54 -14.72 7.67
N SER A 313 -5.48 -14.49 6.75
CA SER A 313 -6.08 -15.57 5.96
C SER A 313 -5.03 -16.23 5.06
N LEU A 314 -4.10 -15.42 4.55
CA LEU A 314 -2.96 -15.91 3.78
C LEU A 314 -2.04 -16.77 4.65
N CYS A 315 -1.67 -16.26 5.82
CA CYS A 315 -0.85 -17.06 6.75
C CYS A 315 -1.58 -18.36 7.10
N GLN A 316 -2.90 -18.23 7.31
CA GLN A 316 -3.74 -19.37 7.67
C GLN A 316 -3.77 -20.48 6.61
N ARG A 317 -4.04 -20.11 5.36
CA ARG A 317 -4.05 -21.07 4.24
C ARG A 317 -2.78 -21.93 4.21
N LEU A 318 -1.63 -21.28 4.40
CA LEU A 318 -0.32 -21.95 4.35
C LEU A 318 -0.01 -22.75 5.61
N SER A 319 -0.33 -22.15 6.76
CA SER A 319 -0.24 -22.82 8.06
C SER A 319 -0.90 -24.22 8.11
N ARG A 320 -1.87 -24.47 7.23
CA ARG A 320 -2.51 -25.79 7.10
C ARG A 320 -1.77 -26.67 6.13
N GLU B 6 3.50 -16.41 -12.50
CA GLU B 6 2.10 -16.62 -12.01
C GLU B 6 1.68 -15.54 -11.02
N GLU B 7 0.38 -15.51 -10.75
CA GLU B 7 -0.20 -14.62 -9.74
C GLU B 7 -0.06 -15.23 -8.36
N GLN B 8 -0.12 -16.56 -8.31
CA GLN B 8 -0.03 -17.31 -7.07
C GLN B 8 1.38 -17.17 -6.48
N ILE B 9 2.38 -17.15 -7.36
CA ILE B 9 3.77 -16.89 -6.97
C ILE B 9 3.84 -15.63 -6.09
N ALA B 10 3.22 -14.55 -6.55
CA ALA B 10 3.10 -13.31 -5.78
C ALA B 10 2.66 -13.51 -4.33
N GLU B 11 1.71 -14.42 -4.11
CA GLU B 11 1.16 -14.70 -2.78
C GLU B 11 2.08 -15.57 -1.95
N PHE B 12 2.58 -16.63 -2.59
CA PHE B 12 3.51 -17.53 -1.93
C PHE B 12 4.84 -16.83 -1.57
N LYS B 13 5.22 -15.81 -2.34
CA LYS B 13 6.41 -15.00 -2.06
C LYS B 13 6.27 -14.12 -0.80
N GLU B 14 5.10 -13.52 -0.61
CA GLU B 14 4.88 -12.64 0.55
C GLU B 14 4.74 -13.42 1.84
N ALA B 15 4.12 -14.61 1.75
CA ALA B 15 3.96 -15.46 2.92
C ALA B 15 5.34 -15.88 3.40
N PHE B 16 6.09 -16.54 2.52
CA PHE B 16 7.47 -16.95 2.80
C PHE B 16 8.24 -15.90 3.61
N SER B 17 8.11 -14.62 3.24
CA SER B 17 8.81 -13.52 3.92
C SER B 17 8.52 -13.40 5.41
N LEU B 18 7.26 -13.45 5.80
CA LEU B 18 6.92 -13.31 7.23
C LEU B 18 7.20 -14.60 8.00
N PHE B 19 7.06 -15.76 7.35
CA PHE B 19 7.51 -17.04 7.95
C PHE B 19 9.02 -16.99 8.21
N ASP B 20 9.76 -16.47 7.22
CA ASP B 20 11.22 -16.28 7.27
C ASP B 20 11.63 -14.99 8.00
N LYS B 21 11.36 -14.95 9.31
CA LYS B 21 11.53 -13.73 10.09
C LYS B 21 12.88 -13.05 9.88
N ASP B 22 13.96 -13.81 9.84
CA ASP B 22 15.29 -13.22 9.74
C ASP B 22 15.72 -12.98 8.29
N GLY B 23 14.99 -13.57 7.35
CA GLY B 23 15.24 -13.35 5.91
C GLY B 23 16.56 -13.91 5.40
N ASP B 24 17.04 -14.99 5.99
CA ASP B 24 18.25 -15.65 5.49
C ASP B 24 17.92 -16.63 4.37
N GLY B 25 16.63 -16.88 4.14
CA GLY B 25 16.19 -17.65 2.99
C GLY B 25 15.64 -19.01 3.34
N THR B 26 15.55 -19.32 4.64
CA THR B 26 15.02 -20.62 5.08
C THR B 26 14.14 -20.50 6.31
N ILE B 27 13.05 -21.29 6.34
CA ILE B 27 12.21 -21.37 7.53
C ILE B 27 12.70 -22.46 8.47
N THR B 28 13.09 -22.03 9.67
CA THR B 28 13.44 -22.96 10.73
C THR B 28 12.17 -23.31 11.47
N THR B 29 12.24 -24.37 12.29
CA THR B 29 11.12 -24.77 13.13
C THR B 29 10.93 -23.76 14.28
N LYS B 30 12.00 -23.06 14.65
CA LYS B 30 11.90 -22.00 15.66
C LYS B 30 11.11 -20.80 15.11
N GLU B 31 11.30 -20.55 13.82
CA GLU B 31 10.58 -19.50 13.13
C GLU B 31 9.13 -19.92 12.84
N LEU B 32 8.93 -21.17 12.42
CA LEU B 32 7.59 -21.70 12.15
C LEU B 32 6.71 -21.69 13.38
N GLY B 33 7.32 -21.93 14.55
CA GLY B 33 6.59 -21.90 15.82
C GLY B 33 6.09 -20.52 16.23
N THR B 34 6.94 -19.50 16.11
CA THR B 34 6.54 -18.13 16.50
C THR B 34 5.54 -17.52 15.51
N VAL B 35 5.65 -17.90 14.24
CA VAL B 35 4.61 -17.63 13.23
C VAL B 35 3.24 -18.17 13.66
N MET B 36 3.24 -19.37 14.24
CA MET B 36 1.99 -20.00 14.63
C MET B 36 1.48 -19.56 16.02
N ARG B 37 2.39 -19.14 16.89
CA ARG B 37 2.02 -18.44 18.12
C ARG B 37 1.18 -17.21 17.79
N SER B 38 1.62 -16.44 16.78
CA SER B 38 1.01 -15.16 16.44
C SER B 38 -0.30 -15.30 15.66
N LEU B 39 -0.53 -16.50 15.13
CA LEU B 39 -1.77 -16.87 14.48
C LEU B 39 -2.79 -17.40 15.53
N GLY B 40 -2.42 -17.29 16.81
CA GLY B 40 -3.27 -17.68 17.91
C GLY B 40 -3.10 -19.11 18.35
N GLN B 41 -2.31 -19.88 17.60
CA GLN B 41 -2.07 -21.29 17.92
C GLN B 41 -1.03 -21.42 19.04
N ASN B 42 -0.86 -22.64 19.55
CA ASN B 42 0.08 -22.89 20.64
C ASN B 42 0.69 -24.31 20.60
N PRO B 43 1.24 -24.70 19.42
CA PRO B 43 1.67 -26.06 19.23
C PRO B 43 3.00 -26.32 19.92
N THR B 44 3.40 -27.57 20.01
CA THR B 44 4.68 -27.91 20.63
C THR B 44 5.74 -28.28 19.59
N GLU B 45 6.99 -28.26 20.05
CA GLU B 45 8.12 -28.47 19.16
C GLU B 45 8.00 -29.78 18.37
N ALA B 46 7.46 -30.83 18.99
CA ALA B 46 7.33 -32.12 18.31
C ALA B 46 6.37 -32.03 17.13
N GLU B 47 5.32 -31.21 17.26
CA GLU B 47 4.38 -30.95 16.17
C GLU B 47 5.07 -30.13 15.08
N LEU B 48 5.64 -29.01 15.49
CA LEU B 48 6.39 -28.12 14.58
C LEU B 48 7.40 -28.84 13.71
N GLN B 49 8.12 -29.79 14.32
CA GLN B 49 9.22 -30.50 13.63
C GLN B 49 8.70 -31.41 12.50
N ASP B 50 7.57 -32.08 12.77
CA ASP B 50 6.90 -32.95 11.80
C ASP B 50 6.48 -32.16 10.56
N MET B 51 5.85 -31.00 10.80
CA MET B 51 5.40 -30.14 9.72
C MET B 51 6.58 -29.73 8.82
N ILE B 52 7.66 -29.29 9.43
CA ILE B 52 8.90 -29.04 8.71
C ILE B 52 9.35 -30.34 8.00
N ASN B 53 9.27 -31.49 8.67
CA ASN B 53 9.84 -32.75 8.18
C ASN B 53 9.28 -33.37 6.89
N GLU B 54 8.11 -32.95 6.42
CA GLU B 54 7.63 -33.43 5.10
C GLU B 54 7.49 -32.32 4.03
N VAL B 55 7.65 -31.06 4.42
CA VAL B 55 7.96 -30.00 3.45
C VAL B 55 9.47 -30.05 3.13
N ASP B 56 10.27 -30.56 4.08
CA ASP B 56 11.73 -30.61 3.95
C ASP B 56 12.16 -31.71 2.95
N ALA B 57 12.03 -31.39 1.66
CA ALA B 57 12.31 -32.32 0.57
C ALA B 57 13.74 -32.86 0.57
N ASP B 58 14.72 -31.95 0.64
CA ASP B 58 16.12 -32.36 0.66
C ASP B 58 16.46 -33.08 1.96
N GLY B 59 15.88 -32.65 3.07
CA GLY B 59 16.16 -33.25 4.38
C GLY B 59 17.23 -32.52 5.18
N ASN B 60 17.35 -31.20 4.98
CA ASN B 60 18.37 -30.39 5.69
C ASN B 60 17.87 -29.63 6.93
N GLY B 61 16.65 -29.95 7.38
CA GLY B 61 16.09 -29.37 8.62
C GLY B 61 15.46 -27.97 8.51
N THR B 62 15.38 -27.42 7.30
CA THR B 62 14.70 -26.14 7.09
C THR B 62 13.95 -26.13 5.76
N ILE B 63 13.05 -25.16 5.62
CA ILE B 63 12.26 -25.00 4.41
C ILE B 63 12.84 -23.87 3.61
N ASP B 64 13.25 -24.15 2.37
CA ASP B 64 13.60 -23.08 1.40
C ASP B 64 12.42 -22.80 0.47
N PHE B 65 12.58 -21.84 -0.43
CA PHE B 65 11.47 -21.37 -1.25
C PHE B 65 10.99 -22.43 -2.22
N PRO B 66 11.91 -23.04 -3.00
CA PRO B 66 11.50 -24.18 -3.83
C PRO B 66 10.63 -25.20 -3.12
N GLU B 67 11.00 -25.56 -1.89
CA GLU B 67 10.21 -26.49 -1.09
C GLU B 67 8.89 -25.90 -0.63
N PHE B 68 8.94 -24.65 -0.17
CA PHE B 68 7.76 -23.91 0.25
C PHE B 68 6.75 -23.81 -0.90
N LEU B 69 7.30 -23.49 -2.08
CA LEU B 69 6.51 -23.31 -3.31
C LEU B 69 5.89 -24.61 -3.85
N THR B 70 6.54 -25.76 -3.64
CA THR B 70 5.99 -27.04 -4.11
C THR B 70 4.83 -27.52 -3.20
N MET B 71 4.79 -27.02 -1.97
CA MET B 71 3.62 -27.20 -1.10
C MET B 71 2.56 -26.15 -1.47
N MET B 72 1.68 -26.50 -2.40
CA MET B 72 0.65 -25.58 -2.90
C MET B 72 -0.70 -25.86 -2.27
N ALA B 73 -1.29 -27.02 -2.61
CA ALA B 73 -2.57 -27.44 -2.02
C ALA B 73 -2.30 -28.36 -0.85
N GLU B 82 -18.34 -14.91 4.33
CA GLU B 82 -16.93 -15.23 4.09
C GLU B 82 -16.30 -15.95 5.30
N GLU B 83 -15.63 -17.07 5.02
CA GLU B 83 -15.05 -17.90 6.09
C GLU B 83 -13.79 -17.29 6.70
N GLU B 84 -12.98 -16.64 5.88
CA GLU B 84 -11.71 -16.08 6.35
C GLU B 84 -11.89 -14.96 7.36
N ILE B 85 -13.15 -14.55 7.58
CA ILE B 85 -13.48 -13.54 8.59
C ILE B 85 -13.78 -14.19 9.94
N ARG B 86 -14.48 -15.32 9.96
CA ARG B 86 -14.72 -16.02 11.24
C ARG B 86 -13.36 -16.33 11.88
N GLU B 87 -12.54 -17.05 11.13
CA GLU B 87 -11.24 -17.49 11.60
C GLU B 87 -10.35 -16.29 11.91
N ALA B 88 -10.50 -15.22 11.14
CA ALA B 88 -9.69 -14.00 11.33
C ALA B 88 -10.00 -13.34 12.66
N PHE B 89 -11.28 -13.32 13.07
CA PHE B 89 -11.66 -12.81 14.40
C PHE B 89 -10.96 -13.56 15.51
N ARG B 90 -10.91 -14.88 15.39
CA ARG B 90 -10.26 -15.70 16.41
C ARG B 90 -8.76 -15.34 16.58
N VAL B 91 -8.10 -14.89 15.51
CA VAL B 91 -6.70 -14.47 15.60
C VAL B 91 -6.61 -13.13 16.36
N PHE B 92 -7.45 -12.15 15.99
CA PHE B 92 -7.41 -10.83 16.65
C PHE B 92 -7.67 -10.95 18.16
N ASP B 93 -8.72 -11.69 18.54
CA ASP B 93 -9.07 -11.86 19.96
C ASP B 93 -8.11 -12.85 20.60
N LYS B 94 -6.92 -12.33 20.90
CA LYS B 94 -5.79 -13.09 21.41
C LYS B 94 -6.11 -13.85 22.71
N ASP B 95 -6.91 -13.23 23.59
CA ASP B 95 -7.21 -13.81 24.90
C ASP B 95 -8.57 -14.52 24.99
N GLY B 96 -9.22 -14.68 23.84
CA GLY B 96 -10.44 -15.48 23.72
C GLY B 96 -11.67 -14.98 24.47
N ASN B 97 -11.67 -13.72 24.90
CA ASN B 97 -12.75 -13.24 25.76
C ASN B 97 -13.99 -12.78 24.98
N GLY B 98 -13.89 -12.77 23.65
CA GLY B 98 -15.01 -12.46 22.76
C GLY B 98 -14.98 -11.08 22.17
N TYR B 99 -13.93 -10.31 22.52
CA TYR B 99 -13.80 -8.90 22.15
C TYR B 99 -12.34 -8.62 21.73
N ILE B 100 -12.16 -7.83 20.68
CA ILE B 100 -10.82 -7.33 20.26
C ILE B 100 -10.63 -5.96 20.89
N SER B 101 -9.59 -5.80 21.70
CA SER B 101 -9.21 -4.49 22.25
C SER B 101 -8.20 -3.80 21.31
N ALA B 102 -7.99 -2.51 21.51
CA ALA B 102 -6.90 -1.78 20.85
C ALA B 102 -5.56 -2.51 21.03
N ALA B 103 -5.28 -2.94 22.27
CA ALA B 103 -4.01 -3.62 22.58
C ALA B 103 -3.86 -4.91 21.79
N GLU B 104 -4.93 -5.70 21.67
CA GLU B 104 -4.85 -6.97 20.93
C GLU B 104 -4.60 -6.71 19.45
N LEU B 105 -5.30 -5.71 18.92
CA LEU B 105 -5.23 -5.37 17.50
C LEU B 105 -3.80 -5.00 17.09
N ARG B 106 -3.22 -4.09 17.86
CA ARG B 106 -1.88 -3.58 17.67
C ARG B 106 -0.82 -4.66 17.88
N HIS B 107 -0.95 -5.41 18.97
CA HIS B 107 0.04 -6.43 19.33
C HIS B 107 0.02 -7.57 18.30
N VAL B 108 -1.18 -7.99 17.90
CA VAL B 108 -1.35 -9.12 16.97
C VAL B 108 -0.88 -8.78 15.57
N MET B 109 -1.04 -7.52 15.16
CA MET B 109 -0.62 -7.10 13.82
C MET B 109 0.87 -6.76 13.71
N THR B 110 1.47 -6.26 14.79
CA THR B 110 2.92 -6.05 14.82
C THR B 110 3.61 -7.41 14.67
N ASN B 111 3.12 -8.41 15.39
CA ASN B 111 3.64 -9.78 15.30
C ASN B 111 3.40 -10.43 13.93
N LEU B 112 2.52 -9.86 13.12
CA LEU B 112 2.33 -10.30 11.73
C LEU B 112 3.05 -9.36 10.74
N GLY B 113 4.00 -8.57 11.24
CA GLY B 113 4.84 -7.70 10.41
C GLY B 113 4.33 -6.28 10.24
N GLU B 114 3.01 -6.09 10.35
CA GLU B 114 2.38 -4.83 9.99
C GLU B 114 2.37 -3.82 11.15
N LYS B 115 3.07 -2.73 10.99
CA LYS B 115 3.23 -1.72 12.02
C LYS B 115 2.15 -0.65 11.90
N LEU B 116 1.08 -0.79 12.67
CA LEU B 116 0.02 0.21 12.69
C LEU B 116 0.35 1.37 13.65
N THR B 117 0.08 2.60 13.22
CA THR B 117 0.17 3.76 14.10
C THR B 117 -0.97 3.72 15.09
N ASP B 118 -0.81 4.45 16.19
CA ASP B 118 -1.87 4.60 17.16
C ASP B 118 -3.12 5.09 16.45
N GLU B 119 -2.92 5.95 15.44
CA GLU B 119 -4.04 6.55 14.76
C GLU B 119 -4.81 5.52 13.93
N GLU B 120 -4.09 4.66 13.22
CA GLU B 120 -4.68 3.55 12.47
C GLU B 120 -5.44 2.64 13.41
N VAL B 121 -4.79 2.19 14.50
CA VAL B 121 -5.45 1.36 15.51
C VAL B 121 -6.77 2.02 15.96
N ASP B 122 -6.69 3.24 16.46
CA ASP B 122 -7.86 3.93 17.00
C ASP B 122 -8.97 4.16 15.94
N GLU B 123 -8.61 4.40 14.69
CA GLU B 123 -9.63 4.50 13.64
C GLU B 123 -10.31 3.17 13.47
N MET B 124 -9.53 2.10 13.51
CA MET B 124 -10.07 0.76 13.24
C MET B 124 -11.10 0.33 14.25
N ILE B 125 -10.74 0.47 15.53
CA ILE B 125 -11.62 0.12 16.64
C ILE B 125 -12.85 1.03 16.64
N ARG B 126 -12.62 2.34 16.54
CA ARG B 126 -13.71 3.30 16.59
C ARG B 126 -14.74 3.05 15.51
N GLU B 127 -14.31 2.73 14.30
CA GLU B 127 -15.28 2.55 13.22
C GLU B 127 -16.03 1.21 13.32
N ALA B 128 -15.42 0.24 13.96
CA ALA B 128 -16.05 -1.09 14.14
C ALA B 128 -16.92 -1.14 15.40
N ASP B 129 -16.59 -0.30 16.38
CA ASP B 129 -17.27 -0.32 17.67
C ASP B 129 -18.64 0.35 17.66
N ILE B 130 -19.67 -0.49 17.53
CA ILE B 130 -21.06 -0.06 17.47
C ILE B 130 -21.59 0.41 18.83
N ASP B 131 -21.39 -0.38 19.88
CA ASP B 131 -22.01 -0.06 21.19
C ASP B 131 -21.19 0.93 22.05
N GLY B 132 -19.97 1.23 21.61
CA GLY B 132 -19.17 2.29 22.25
C GLY B 132 -18.40 1.91 23.51
N ASP B 133 -18.13 0.63 23.67
CA ASP B 133 -17.35 0.18 24.82
C ASP B 133 -15.83 0.18 24.52
N GLY B 134 -15.42 0.62 23.33
CA GLY B 134 -14.01 0.68 22.99
C GLY B 134 -13.37 -0.63 22.54
N GLN B 135 -14.21 -1.65 22.32
CA GLN B 135 -13.80 -2.98 21.87
C GLN B 135 -14.72 -3.49 20.78
N VAL B 136 -14.23 -4.49 20.04
CA VAL B 136 -14.93 -5.03 18.88
C VAL B 136 -15.30 -6.52 19.09
N ASN B 137 -16.61 -6.79 19.13
CA ASN B 137 -17.08 -8.13 19.34
C ASN B 137 -17.34 -8.75 17.97
N TYR B 138 -17.86 -9.98 17.95
CA TYR B 138 -17.89 -10.73 16.72
C TYR B 138 -18.82 -10.07 15.69
N GLU B 139 -20.04 -9.75 16.13
CA GLU B 139 -21.00 -9.18 15.22
C GLU B 139 -20.47 -7.85 14.71
N GLU B 140 -19.90 -7.07 15.62
CA GLU B 140 -19.35 -5.78 15.24
C GLU B 140 -18.30 -5.97 14.14
N PHE B 141 -17.41 -6.91 14.34
CA PHE B 141 -16.43 -7.30 13.30
C PHE B 141 -17.13 -7.64 11.97
N VAL B 142 -18.21 -8.41 12.05
CA VAL B 142 -18.92 -8.82 10.85
C VAL B 142 -19.43 -7.57 10.11
N GLN B 143 -20.18 -6.72 10.81
CA GLN B 143 -20.71 -5.48 10.20
C GLN B 143 -19.63 -4.62 9.54
N MET B 144 -18.42 -4.64 10.11
CA MET B 144 -17.28 -3.90 9.54
C MET B 144 -16.85 -4.50 8.20
N MET B 145 -16.69 -5.82 8.19
CA MET B 145 -16.22 -6.57 7.03
C MET B 145 -17.31 -6.76 5.98
#